data_6PRZ
#
_entry.id   6PRZ
#
_cell.length_a   41.840
_cell.length_b   76.220
_cell.length_c   171.400
_cell.angle_alpha   90.000
_cell.angle_beta   90.000
_cell.angle_gamma   90.000
#
_symmetry.space_group_name_H-M   'P 21 21 21'
#
loop_
_entity.id
_entity.type
_entity.pdbx_description
1 polymer 'Fusion protein of Beta-2 adrenergic receptor and T4 Lysozyme'
2 non-polymer (2S)-1-[(1-methylethyl)amino]-3-(2-prop-2-en-1-ylphenoxy)propan-2-ol
3 non-polymer CHOLESTEROL
4 non-polymer '(2R)-2,3-dihydroxypropyl (9Z)-octadec-9-enoate'
5 non-polymer 'OLEIC ACID'
6 non-polymer 'SULFATE ION'
7 water water
#
_entity_poly.entity_id   1
_entity_poly.type   'polypeptide(L)'
_entity_poly.pdbx_seq_one_letter_code
;MKTIIALSYIFCLVFADYKDDDDAMGQPGNGSAFLLAPNRSHAPDHDVTQQRDEVWVVGMGIVMSLIVLAIVFGNVLVIT
AIAKFERLQTVTNYFITSLACADLVMGLAVVPFGAAHILMKMWTFGNFWCEFWTSIDVLCVTASIWTLCVIAVDRYFAIT
SPFKYQSLLTKNKARVIILMVWIVSGLTSFLPIQMHWYRATHQEAINCYAEETCCDFFTNQAYAIASSIVSFYVPLVIMV
FVYSRVFQEAKRQLNIFEMLRIDEGLRLKIYKDTEGYYTIGIGHLLTKSPSLNAAKSELDKAIGRNTNGVITKDEAEKLF
NQDVDAAVRGILRNAKLKPVYDSLDAVRRAALINMVFQMGETGVAGFTNSLRMLQQKRWDEAAVNLAKSRWYNQTPNRAK
RVITTFRTGTWDAYKFCLKEHKALKTLGIIMGTFTLCWLPFFIVNIVHVIQDNLIRKEVYILLNWIGYVNSGFNPLIYCR
SPDFRIAFQELLCLRRSSLKHHHHHH
;
_entity_poly.pdbx_strand_id   A
#
# COMPACT_ATOMS: atom_id res chain seq x y z
N VAL A 55 -30.07 26.15 -14.78
CA VAL A 55 -29.66 26.29 -13.38
C VAL A 55 -28.80 25.08 -12.98
N TRP A 56 -29.00 23.92 -13.65
CA TRP A 56 -28.26 22.68 -13.44
C TRP A 56 -26.78 22.87 -13.82
N VAL A 57 -26.52 23.61 -14.93
CA VAL A 57 -25.22 23.94 -15.53
C VAL A 57 -24.30 24.63 -14.51
N VAL A 58 -24.86 25.56 -13.70
CA VAL A 58 -24.12 26.30 -12.67
C VAL A 58 -23.59 25.31 -11.64
N GLY A 59 -24.49 24.52 -11.04
CA GLY A 59 -24.17 23.50 -10.04
C GLY A 59 -23.19 22.45 -10.54
N MET A 60 -23.36 22.04 -11.81
CA MET A 60 -22.50 21.09 -12.50
C MET A 60 -21.11 21.70 -12.73
N GLY A 61 -21.09 22.99 -13.07
CA GLY A 61 -19.88 23.77 -13.33
C GLY A 61 -18.99 23.94 -12.12
N ILE A 62 -19.60 24.21 -10.94
CA ILE A 62 -18.89 24.37 -9.66
C ILE A 62 -18.23 23.05 -9.28
N VAL A 63 -19.02 21.95 -9.22
CA VAL A 63 -18.58 20.59 -8.88
C VAL A 63 -17.38 20.20 -9.74
N MET A 64 -17.46 20.44 -11.08
CA MET A 64 -16.41 20.15 -12.05
C MET A 64 -15.14 20.99 -11.84
N SER A 65 -15.30 22.27 -11.44
CA SER A 65 -14.17 23.16 -11.17
C SER A 65 -13.38 22.67 -9.96
N LEU A 66 -14.09 22.24 -8.89
CA LEU A 66 -13.52 21.74 -7.65
C LEU A 66 -12.79 20.41 -7.90
N ILE A 67 -13.32 19.56 -8.82
CA ILE A 67 -12.69 18.28 -9.21
C ILE A 67 -11.32 18.60 -9.86
N VAL A 68 -11.28 19.59 -10.79
CA VAL A 68 -10.06 20.07 -11.47
C VAL A 68 -9.05 20.56 -10.42
N LEU A 69 -9.47 21.47 -9.53
CA LEU A 69 -8.64 22.04 -8.46
C LEU A 69 -8.11 20.96 -7.50
N ALA A 70 -8.96 19.98 -7.11
CA ALA A 70 -8.57 18.87 -6.21
C ALA A 70 -7.49 17.98 -6.81
N ILE A 71 -7.52 17.78 -8.14
CA ILE A 71 -6.54 16.96 -8.84
C ILE A 71 -5.20 17.70 -8.94
N VAL A 72 -5.23 18.96 -9.44
CA VAL A 72 -4.05 19.79 -9.68
C VAL A 72 -3.21 20.02 -8.39
N PHE A 73 -3.78 20.69 -7.36
CA PHE A 73 -3.04 20.95 -6.11
C PHE A 73 -2.65 19.66 -5.41
N GLY A 74 -3.54 18.68 -5.44
CA GLY A 74 -3.31 17.37 -4.85
C GLY A 74 -2.06 16.70 -5.36
N ASN A 75 -1.93 16.61 -6.69
CA ASN A 75 -0.77 15.97 -7.33
C ASN A 75 0.48 16.85 -7.29
N VAL A 76 0.31 18.20 -7.39
CA VAL A 76 1.43 19.15 -7.30
C VAL A 76 2.09 18.97 -5.91
N LEU A 77 1.26 18.86 -4.85
CA LEU A 77 1.71 18.65 -3.47
C LEU A 77 2.54 17.36 -3.36
N VAL A 78 2.03 16.23 -3.92
CA VAL A 78 2.68 14.91 -3.91
C VAL A 78 4.04 14.99 -4.62
N ILE A 79 4.07 15.55 -5.85
CA ILE A 79 5.30 15.67 -6.65
C ILE A 79 6.32 16.55 -5.89
N THR A 80 5.87 17.71 -5.35
CA THR A 80 6.72 18.66 -4.59
C THR A 80 7.34 17.97 -3.36
N ALA A 81 6.55 17.09 -2.69
CA ALA A 81 6.97 16.34 -1.50
C ALA A 81 8.13 15.41 -1.83
N ILE A 82 8.01 14.62 -2.93
CA ILE A 82 9.05 13.69 -3.36
C ILE A 82 10.25 14.48 -3.90
N ALA A 83 9.99 15.58 -4.64
CA ALA A 83 11.01 16.45 -5.24
C ALA A 83 11.93 17.11 -4.21
N LYS A 84 11.40 17.47 -3.02
CA LYS A 84 12.17 18.19 -2.00
C LYS A 84 12.61 17.33 -0.82
N PHE A 85 11.71 16.50 -0.25
CA PHE A 85 12.03 15.68 0.93
C PHE A 85 12.86 14.44 0.59
N GLU A 86 14.09 14.44 1.11
CA GLU A 86 15.15 13.42 0.99
C GLU A 86 14.63 12.02 1.38
N ARG A 87 13.93 11.90 2.53
CA ARG A 87 13.38 10.65 3.07
C ARG A 87 12.33 10.01 2.13
N LEU A 88 11.78 10.79 1.20
CA LEU A 88 10.76 10.31 0.26
C LEU A 88 11.33 9.98 -1.13
N GLN A 89 12.65 10.06 -1.35
CA GLN A 89 13.22 9.78 -2.68
C GLN A 89 13.56 8.29 -2.83
N THR A 90 12.51 7.45 -2.81
CA THR A 90 12.61 5.99 -2.94
C THR A 90 12.18 5.55 -4.35
N VAL A 91 12.47 4.27 -4.69
CA VAL A 91 12.13 3.63 -5.97
C VAL A 91 10.60 3.61 -6.13
N THR A 92 9.89 3.21 -5.05
CA THR A 92 8.44 3.14 -4.97
C THR A 92 7.82 4.53 -5.18
N ASN A 93 8.43 5.57 -4.58
CA ASN A 93 7.93 6.94 -4.70
C ASN A 93 8.23 7.55 -6.07
N TYR A 94 9.21 7.00 -6.81
CA TYR A 94 9.54 7.45 -8.17
C TYR A 94 8.41 6.99 -9.10
N PHE A 95 7.86 5.77 -8.88
CA PHE A 95 6.72 5.27 -9.65
C PHE A 95 5.47 6.07 -9.26
N ILE A 96 5.33 6.40 -7.96
CA ILE A 96 4.23 7.19 -7.42
C ILE A 96 4.23 8.58 -8.11
N THR A 97 5.44 9.12 -8.44
CA THR A 97 5.62 10.39 -9.17
C THR A 97 5.12 10.21 -10.61
N SER A 98 5.48 9.08 -11.26
CA SER A 98 5.02 8.74 -12.62
C SER A 98 3.48 8.69 -12.65
N LEU A 99 2.86 8.11 -11.59
CA LEU A 99 1.42 8.01 -11.40
C LEU A 99 0.80 9.39 -11.17
N ALA A 100 1.42 10.21 -10.29
CA ALA A 100 0.97 11.56 -9.95
C ALA A 100 1.09 12.52 -11.13
N CYS A 101 2.05 12.27 -12.04
CA CYS A 101 2.27 13.08 -13.24
C CYS A 101 1.11 12.86 -14.20
N ALA A 102 0.72 11.59 -14.43
CA ALA A 102 -0.40 11.19 -15.27
C ALA A 102 -1.68 11.83 -14.78
N ASP A 103 -1.88 11.85 -13.45
CA ASP A 103 -3.05 12.46 -12.80
C ASP A 103 -3.02 13.99 -12.96
N LEU A 104 -1.84 14.62 -12.83
CA LEU A 104 -1.68 16.06 -13.00
C LEU A 104 -1.95 16.46 -14.46
N VAL A 105 -1.46 15.64 -15.43
CA VAL A 105 -1.66 15.83 -16.88
C VAL A 105 -3.16 15.68 -17.17
N MET A 106 -3.80 14.67 -16.55
CA MET A 106 -5.24 14.41 -16.63
C MET A 106 -6.03 15.62 -16.09
N GLY A 107 -5.58 16.17 -14.96
CA GLY A 107 -6.19 17.31 -14.29
C GLY A 107 -6.00 18.66 -14.97
N LEU A 108 -4.91 18.83 -15.73
CA LEU A 108 -4.63 20.10 -16.41
C LEU A 108 -5.01 20.11 -17.90
N ALA A 109 -4.82 18.96 -18.60
CA ALA A 109 -5.05 18.86 -20.04
C ALA A 109 -6.27 18.05 -20.45
N VAL A 110 -6.82 17.18 -19.59
CA VAL A 110 -7.96 16.36 -20.00
C VAL A 110 -9.26 16.86 -19.36
N VAL A 111 -9.40 16.70 -18.02
CA VAL A 111 -10.58 17.04 -17.21
C VAL A 111 -11.08 18.50 -17.50
N PRO A 112 -10.24 19.56 -17.65
CA PRO A 112 -10.80 20.90 -17.97
C PRO A 112 -11.55 20.95 -19.31
N PHE A 113 -10.97 20.31 -20.37
CA PHE A 113 -11.57 20.28 -21.71
C PHE A 113 -12.77 19.34 -21.79
N GLY A 114 -12.82 18.36 -20.89
CA GLY A 114 -13.93 17.43 -20.78
C GLY A 114 -15.14 18.13 -20.21
N ALA A 115 -14.90 18.97 -19.17
CA ALA A 115 -15.90 19.79 -18.47
C ALA A 115 -16.53 20.80 -19.43
N ALA A 116 -15.72 21.41 -20.30
CA ALA A 116 -16.15 22.38 -21.31
C ALA A 116 -17.09 21.73 -22.33
N HIS A 117 -16.76 20.50 -22.79
CA HIS A 117 -17.52 19.71 -23.76
C HIS A 117 -18.93 19.40 -23.23
N ILE A 118 -19.08 19.14 -21.92
CA ILE A 118 -20.36 18.82 -21.30
C ILE A 118 -21.24 20.09 -21.15
N LEU A 119 -20.68 21.14 -20.50
CA LEU A 119 -21.38 22.39 -20.20
C LEU A 119 -21.82 23.15 -21.47
N MET A 120 -21.00 23.14 -22.53
CA MET A 120 -21.31 23.84 -23.78
C MET A 120 -22.05 22.93 -24.79
N LYS A 121 -22.15 21.61 -24.46
CA LYS A 121 -22.79 20.54 -25.25
C LYS A 121 -22.15 20.41 -26.66
N MET A 122 -20.97 21.01 -26.85
CA MET A 122 -20.23 21.02 -28.11
C MET A 122 -18.71 21.18 -27.90
N TRP A 123 -17.93 20.84 -28.94
CA TRP A 123 -16.48 20.96 -28.96
C TRP A 123 -16.09 22.26 -29.68
N THR A 124 -15.42 23.17 -28.96
CA THR A 124 -15.07 24.49 -29.51
C THR A 124 -13.54 24.68 -29.63
N PHE A 125 -12.79 23.57 -29.78
CA PHE A 125 -11.32 23.62 -29.87
C PHE A 125 -10.77 23.03 -31.18
N GLY A 126 -11.67 22.63 -32.08
CA GLY A 126 -11.32 22.07 -33.37
C GLY A 126 -10.97 20.60 -33.37
N ASN A 127 -10.88 20.00 -34.57
CA ASN A 127 -10.57 18.58 -34.76
C ASN A 127 -9.13 18.21 -34.39
N PHE A 128 -8.15 19.14 -34.50
CA PHE A 128 -6.76 18.83 -34.16
C PHE A 128 -6.59 18.67 -32.65
N TRP A 129 -7.11 19.61 -31.83
CA TRP A 129 -6.98 19.48 -30.37
C TRP A 129 -7.86 18.33 -29.87
N CYS A 130 -8.96 17.99 -30.60
CA CYS A 130 -9.84 16.88 -30.25
C CYS A 130 -9.08 15.53 -30.29
N GLU A 131 -8.35 15.26 -31.39
CA GLU A 131 -7.55 14.05 -31.59
C GLU A 131 -6.39 14.01 -30.59
N PHE A 132 -5.77 15.17 -30.32
CA PHE A 132 -4.66 15.31 -29.39
C PHE A 132 -5.12 15.05 -27.95
N TRP A 133 -6.23 15.69 -27.53
CA TRP A 133 -6.87 15.57 -26.22
C TRP A 133 -7.18 14.11 -25.91
N THR A 134 -7.80 13.40 -26.86
CA THR A 134 -8.15 11.99 -26.76
C THR A 134 -6.89 11.15 -26.59
N SER A 135 -5.82 11.46 -27.35
CA SER A 135 -4.54 10.73 -27.29
C SER A 135 -3.89 10.85 -25.91
N ILE A 136 -3.94 12.07 -25.30
CA ILE A 136 -3.41 12.41 -23.97
C ILE A 136 -4.17 11.63 -22.88
N ASP A 137 -5.52 11.63 -22.96
CA ASP A 137 -6.42 10.93 -22.03
C ASP A 137 -6.08 9.46 -21.95
N VAL A 138 -6.05 8.78 -23.11
CA VAL A 138 -5.74 7.36 -23.25
C VAL A 138 -4.32 7.14 -22.71
N LEU A 139 -3.35 8.02 -23.05
CA LEU A 139 -1.96 7.94 -22.56
C LEU A 139 -1.93 7.94 -21.02
N CYS A 140 -2.73 8.83 -20.39
CA CYS A 140 -2.82 8.97 -18.94
C CYS A 140 -3.37 7.73 -18.29
N VAL A 141 -4.39 7.11 -18.89
CA VAL A 141 -4.99 5.88 -18.35
C VAL A 141 -4.00 4.73 -18.53
N THR A 142 -3.45 4.56 -19.75
CA THR A 142 -2.48 3.50 -20.08
C THR A 142 -1.23 3.59 -19.19
N ALA A 143 -0.66 4.80 -19.02
CA ALA A 143 0.53 4.99 -18.19
C ALA A 143 0.23 4.74 -16.72
N SER A 144 -0.94 5.21 -16.21
CA SER A 144 -1.32 5.04 -14.82
C SER A 144 -1.43 3.56 -14.41
N ILE A 145 -2.10 2.71 -15.23
CA ILE A 145 -2.28 1.29 -14.95
C ILE A 145 -0.96 0.49 -15.15
N TRP A 146 -0.12 0.89 -16.13
CA TRP A 146 1.14 0.18 -16.36
C TRP A 146 2.15 0.48 -15.23
N THR A 147 2.07 1.69 -14.65
CA THR A 147 2.92 2.09 -13.54
C THR A 147 2.49 1.29 -12.30
N LEU A 148 1.17 1.14 -12.09
CA LEU A 148 0.61 0.37 -10.97
C LEU A 148 0.96 -1.11 -11.09
N CYS A 149 1.14 -1.60 -12.34
CA CYS A 149 1.53 -2.99 -12.60
C CYS A 149 3.02 -3.18 -12.25
N VAL A 150 3.86 -2.19 -12.64
CA VAL A 150 5.30 -2.16 -12.37
C VAL A 150 5.52 -2.17 -10.87
N ILE A 151 4.77 -1.31 -10.12
CA ILE A 151 4.82 -1.23 -8.65
C ILE A 151 4.64 -2.64 -8.08
N ALA A 152 3.53 -3.32 -8.48
CA ALA A 152 3.19 -4.68 -8.05
C ALA A 152 4.33 -5.66 -8.31
N VAL A 153 4.88 -5.68 -9.55
CA VAL A 153 5.98 -6.58 -9.93
C VAL A 153 7.22 -6.30 -9.05
N ASP A 154 7.56 -5.00 -8.86
CA ASP A 154 8.69 -4.55 -8.04
C ASP A 154 8.52 -4.95 -6.57
N ARG A 155 7.28 -4.85 -6.04
CA ARG A 155 6.96 -5.24 -4.67
C ARG A 155 7.10 -6.73 -4.49
N TYR A 156 6.78 -7.52 -5.55
CA TYR A 156 6.92 -8.98 -5.50
C TYR A 156 8.38 -9.37 -5.39
N PHE A 157 9.22 -8.86 -6.31
CA PHE A 157 10.65 -9.14 -6.36
C PHE A 157 11.36 -8.74 -5.06
N ALA A 158 10.88 -7.67 -4.41
CA ALA A 158 11.40 -7.17 -3.12
C ALA A 158 11.05 -8.13 -1.98
N ILE A 159 9.75 -8.48 -1.81
CA ILE A 159 9.26 -9.37 -0.76
C ILE A 159 9.81 -10.81 -0.95
N THR A 160 10.17 -11.20 -2.19
CA THR A 160 10.71 -12.54 -2.46
C THR A 160 12.27 -12.53 -2.40
N SER A 161 12.88 -11.38 -2.07
CA SER A 161 14.33 -11.21 -1.93
C SER A 161 14.74 -11.19 -0.45
N PRO A 162 16.04 -11.41 -0.09
CA PRO A 162 16.45 -11.35 1.33
C PRO A 162 16.33 -9.94 1.93
N PHE A 163 16.25 -8.93 1.06
CA PHE A 163 16.09 -7.51 1.41
C PHE A 163 14.66 -7.25 1.93
N LYS A 164 13.68 -8.07 1.51
CA LYS A 164 12.27 -8.15 1.94
C LYS A 164 11.41 -6.90 1.66
N TYR A 165 11.89 -5.67 1.92
CA TYR A 165 11.03 -4.50 1.73
C TYR A 165 11.66 -3.43 0.85
N GLN A 166 12.93 -3.61 0.51
CA GLN A 166 13.67 -2.70 -0.35
C GLN A 166 13.70 -3.26 -1.76
N SER A 167 13.53 -2.37 -2.75
CA SER A 167 13.52 -2.69 -4.18
C SER A 167 14.89 -3.20 -4.64
N LEU A 168 14.89 -4.11 -5.62
CA LEU A 168 16.11 -4.66 -6.21
C LEU A 168 16.62 -3.72 -7.29
N LEU A 169 15.76 -2.79 -7.72
CA LEU A 169 16.07 -1.78 -8.73
C LEU A 169 16.80 -0.60 -8.12
N THR A 170 17.64 0.06 -8.93
CA THR A 170 18.33 1.28 -8.52
C THR A 170 17.49 2.45 -9.07
N LYS A 171 17.73 3.68 -8.56
CA LYS A 171 17.02 4.89 -8.98
C LYS A 171 17.21 5.13 -10.50
N ASN A 172 18.42 4.83 -11.03
CA ASN A 172 18.74 4.95 -12.46
C ASN A 172 17.86 3.98 -13.29
N LYS A 173 17.78 2.71 -12.84
CA LYS A 173 16.99 1.63 -13.47
C LYS A 173 15.51 1.97 -13.45
N ALA A 174 15.00 2.41 -12.29
CA ALA A 174 13.60 2.81 -12.09
C ALA A 174 13.24 3.96 -13.02
N ARG A 175 14.15 4.97 -13.18
CA ARG A 175 13.97 6.13 -14.07
C ARG A 175 13.80 5.67 -15.51
N VAL A 176 14.59 4.66 -15.92
CA VAL A 176 14.56 4.06 -17.24
C VAL A 176 13.24 3.31 -17.43
N ILE A 177 12.82 2.53 -16.41
CA ILE A 177 11.55 1.78 -16.40
C ILE A 177 10.39 2.76 -16.63
N ILE A 178 10.35 3.88 -15.85
CA ILE A 178 9.33 4.93 -15.94
C ILE A 178 9.32 5.55 -17.34
N LEU A 179 10.50 5.94 -17.87
CA LEU A 179 10.62 6.55 -19.19
C LEU A 179 10.19 5.58 -20.30
N MET A 180 10.50 4.27 -20.15
CA MET A 180 10.10 3.24 -21.11
C MET A 180 8.58 3.07 -21.11
N VAL A 181 7.94 3.16 -19.93
CA VAL A 181 6.48 3.05 -19.75
C VAL A 181 5.81 4.16 -20.54
N TRP A 182 6.29 5.42 -20.40
CA TRP A 182 5.73 6.60 -21.06
C TRP A 182 5.97 6.62 -22.58
N ILE A 183 7.15 6.15 -23.04
CA ILE A 183 7.51 6.08 -24.47
C ILE A 183 6.58 5.05 -25.17
N VAL A 184 6.42 3.86 -24.55
CA VAL A 184 5.58 2.77 -25.06
C VAL A 184 4.10 3.20 -24.99
N SER A 185 3.62 3.71 -23.82
CA SER A 185 2.24 4.16 -23.63
C SER A 185 1.89 5.32 -24.56
N GLY A 186 2.87 6.16 -24.87
CA GLY A 186 2.70 7.28 -25.79
C GLY A 186 2.48 6.79 -27.22
N LEU A 187 3.30 5.81 -27.63
CA LEU A 187 3.27 5.19 -28.95
C LEU A 187 1.99 4.38 -29.17
N THR A 188 1.57 3.58 -28.18
CA THR A 188 0.37 2.75 -28.26
C THR A 188 -0.92 3.59 -28.21
N SER A 189 -0.83 4.84 -27.68
CA SER A 189 -2.00 5.71 -27.48
C SER A 189 -2.12 6.83 -28.52
N PHE A 190 -1.00 7.34 -29.06
CA PHE A 190 -1.03 8.44 -30.04
C PHE A 190 -1.10 7.95 -31.48
N LEU A 191 -0.30 6.92 -31.84
CA LEU A 191 -0.24 6.39 -33.21
C LEU A 191 -1.58 5.83 -33.75
N PRO A 192 -2.42 5.04 -33.02
CA PRO A 192 -3.69 4.59 -33.64
C PRO A 192 -4.73 5.71 -33.76
N ILE A 193 -4.55 6.83 -33.02
CA ILE A 193 -5.46 7.99 -33.07
C ILE A 193 -4.99 8.98 -34.17
N GLN A 194 -3.67 9.28 -34.23
CA GLN A 194 -3.10 10.18 -35.23
C GLN A 194 -3.15 9.55 -36.63
N MET A 195 -2.84 8.24 -36.75
CA MET A 195 -2.89 7.51 -38.02
C MET A 195 -4.34 7.13 -38.41
N HIS A 196 -5.32 7.51 -37.54
CA HIS A 196 -6.78 7.32 -37.67
C HIS A 196 -7.22 5.84 -37.76
N TRP A 197 -6.44 4.94 -37.15
CA TRP A 197 -6.72 3.50 -37.10
C TRP A 197 -7.95 3.19 -36.23
N TYR A 198 -8.32 4.13 -35.35
CA TYR A 198 -9.43 4.04 -34.40
C TYR A 198 -10.80 4.31 -35.04
N ARG A 199 -10.83 5.17 -36.08
CA ARG A 199 -12.00 5.70 -36.78
C ARG A 199 -13.00 4.61 -37.27
N ALA A 200 -14.25 4.75 -36.80
CA ALA A 200 -15.39 3.91 -37.16
C ALA A 200 -15.89 4.29 -38.55
N THR A 201 -16.56 3.34 -39.22
CA THR A 201 -17.04 3.50 -40.60
C THR A 201 -18.53 3.86 -40.72
N HIS A 202 -19.30 3.90 -39.60
CA HIS A 202 -20.73 4.25 -39.68
C HIS A 202 -20.89 5.76 -39.87
N GLN A 203 -21.95 6.17 -40.58
CA GLN A 203 -22.26 7.55 -40.98
C GLN A 203 -22.19 8.55 -39.83
N GLU A 204 -22.83 8.25 -38.68
CA GLU A 204 -22.86 9.11 -37.50
C GLU A 204 -21.44 9.48 -37.03
N ALA A 205 -20.48 8.53 -37.13
CA ALA A 205 -19.08 8.74 -36.76
C ALA A 205 -18.36 9.65 -37.77
N ILE A 206 -18.51 9.38 -39.08
CA ILE A 206 -17.90 10.15 -40.18
C ILE A 206 -18.36 11.61 -40.10
N ASN A 207 -19.67 11.84 -39.82
CA ASN A 207 -20.23 13.19 -39.66
C ASN A 207 -19.60 13.90 -38.47
N CYS A 208 -19.32 13.16 -37.38
CA CYS A 208 -18.68 13.67 -36.17
C CYS A 208 -17.21 14.01 -36.42
N TYR A 209 -16.52 13.22 -37.27
CA TYR A 209 -15.10 13.44 -37.60
C TYR A 209 -14.94 14.71 -38.46
N ALA A 210 -15.78 14.86 -39.51
CA ALA A 210 -15.77 16.01 -40.42
C ALA A 210 -16.13 17.31 -39.70
N GLU A 211 -17.13 17.26 -38.79
CA GLU A 211 -17.57 18.42 -38.02
C GLU A 211 -16.51 18.81 -36.99
N GLU A 212 -16.11 20.09 -36.99
CA GLU A 212 -15.11 20.63 -36.07
C GLU A 212 -15.73 20.84 -34.67
N THR A 213 -17.07 20.76 -34.55
CA THR A 213 -17.78 20.95 -33.28
C THR A 213 -18.24 19.61 -32.66
N CYS A 214 -17.70 18.49 -33.15
CA CYS A 214 -18.03 17.16 -32.62
C CYS A 214 -16.76 16.45 -32.21
N CYS A 215 -16.68 16.07 -30.92
CA CYS A 215 -15.56 15.31 -30.37
C CYS A 215 -16.10 14.14 -29.54
N ASP A 216 -17.02 13.37 -30.13
CA ASP A 216 -17.58 12.19 -29.52
C ASP A 216 -16.68 11.03 -29.90
N PHE A 217 -16.15 10.34 -28.89
CA PHE A 217 -15.20 9.25 -29.09
C PHE A 217 -15.86 8.04 -29.75
N PHE A 218 -15.95 8.08 -31.08
CA PHE A 218 -16.48 7.00 -31.91
C PHE A 218 -15.32 6.13 -32.34
N THR A 219 -15.41 4.83 -32.08
CA THR A 219 -14.34 3.89 -32.42
C THR A 219 -14.89 2.65 -33.09
N ASN A 220 -14.04 2.00 -33.91
CA ASN A 220 -14.41 0.73 -34.54
C ASN A 220 -14.27 -0.36 -33.48
N GLN A 221 -15.07 -1.44 -33.59
CA GLN A 221 -15.09 -2.57 -32.64
C GLN A 221 -13.69 -3.13 -32.35
N ALA A 222 -12.83 -3.23 -33.39
CA ALA A 222 -11.46 -3.77 -33.30
C ALA A 222 -10.59 -2.96 -32.35
N TYR A 223 -10.54 -1.61 -32.52
CA TYR A 223 -9.79 -0.70 -31.67
C TYR A 223 -10.28 -0.78 -30.22
N ALA A 224 -11.62 -0.68 -30.01
CA ALA A 224 -12.29 -0.73 -28.70
C ALA A 224 -12.03 -2.05 -27.95
N ILE A 225 -11.51 -3.07 -28.63
CA ILE A 225 -11.14 -4.34 -28.01
C ILE A 225 -9.62 -4.34 -27.83
N ALA A 226 -8.85 -4.07 -28.92
CA ALA A 226 -7.39 -4.07 -28.95
C ALA A 226 -6.79 -3.09 -27.91
N SER A 227 -7.15 -1.79 -28.00
CA SER A 227 -6.68 -0.76 -27.06
C SER A 227 -7.05 -1.11 -25.61
N SER A 228 -8.28 -1.63 -25.37
CA SER A 228 -8.77 -2.01 -24.04
C SER A 228 -7.96 -3.15 -23.39
N ILE A 229 -7.57 -4.15 -24.19
CA ILE A 229 -6.82 -5.31 -23.70
C ILE A 229 -5.37 -4.91 -23.39
N VAL A 230 -4.66 -4.32 -24.37
CA VAL A 230 -3.25 -3.92 -24.25
C VAL A 230 -3.06 -2.80 -23.21
N SER A 231 -3.90 -1.74 -23.26
CA SER A 231 -3.78 -0.59 -22.38
C SER A 231 -4.30 -0.81 -20.96
N PHE A 232 -5.35 -1.64 -20.77
CA PHE A 232 -5.93 -1.78 -19.44
C PHE A 232 -6.03 -3.19 -18.89
N TYR A 233 -6.74 -4.10 -19.58
CA TYR A 233 -7.01 -5.45 -19.05
C TYR A 233 -5.74 -6.29 -18.76
N VAL A 234 -4.76 -6.32 -19.67
CA VAL A 234 -3.50 -7.06 -19.50
C VAL A 234 -2.75 -6.55 -18.23
N PRO A 235 -2.38 -5.23 -18.07
CA PRO A 235 -1.68 -4.84 -16.83
C PRO A 235 -2.51 -5.05 -15.55
N LEU A 236 -3.85 -4.89 -15.63
CA LEU A 236 -4.77 -5.09 -14.51
C LEU A 236 -4.77 -6.56 -14.04
N VAL A 237 -4.87 -7.52 -14.98
CA VAL A 237 -4.86 -8.95 -14.69
C VAL A 237 -3.55 -9.33 -14.01
N ILE A 238 -2.41 -8.82 -14.53
CA ILE A 238 -1.08 -9.08 -13.97
C ILE A 238 -0.94 -8.41 -12.58
N MET A 239 -1.29 -7.13 -12.44
CA MET A 239 -1.23 -6.36 -11.19
C MET A 239 -2.04 -7.04 -10.07
N VAL A 240 -3.29 -7.44 -10.36
CA VAL A 240 -4.18 -8.10 -9.40
C VAL A 240 -3.61 -9.49 -9.01
N PHE A 241 -3.12 -10.27 -10.01
CA PHE A 241 -2.54 -11.60 -9.76
C PHE A 241 -1.22 -11.55 -8.98
N VAL A 242 -0.35 -10.55 -9.27
CA VAL A 242 0.97 -10.36 -8.65
C VAL A 242 0.84 -9.72 -7.24
N TYR A 243 -0.01 -8.71 -7.06
CA TYR A 243 -0.12 -8.06 -5.74
C TYR A 243 -0.88 -8.90 -4.72
N SER A 244 -1.63 -9.92 -5.17
CA SER A 244 -2.30 -10.85 -4.24
C SER A 244 -1.23 -11.78 -3.64
N ARG A 245 -0.18 -12.07 -4.43
CA ARG A 245 0.98 -12.87 -4.02
C ARG A 245 1.88 -12.10 -3.06
N VAL A 246 1.96 -10.75 -3.20
CA VAL A 246 2.77 -9.86 -2.35
C VAL A 246 2.15 -9.83 -0.96
N PHE A 247 0.81 -9.71 -0.88
CA PHE A 247 0.04 -9.74 0.36
C PHE A 247 0.17 -11.09 1.06
N GLN A 248 0.21 -12.19 0.26
CA GLN A 248 0.39 -13.57 0.70
C GLN A 248 1.77 -13.77 1.31
N GLU A 249 2.85 -13.33 0.59
CA GLU A 249 4.24 -13.46 1.03
C GLU A 249 4.50 -12.66 2.31
N ALA A 250 3.91 -11.46 2.44
CA ALA A 250 4.05 -10.61 3.63
C ALA A 250 3.49 -11.32 4.86
N LYS A 251 2.34 -12.01 4.71
CA LYS A 251 1.65 -12.76 5.77
C LYS A 251 2.39 -14.06 6.08
N ARG A 252 2.80 -14.82 5.04
CA ARG A 252 3.50 -16.10 5.17
C ARG A 252 4.91 -15.94 5.76
N GLN A 253 5.65 -14.90 5.30
CA GLN A 253 7.02 -14.62 5.73
C GLN A 253 7.09 -13.89 7.10
N LEU A 254 5.92 -13.69 7.77
CA LEU A 254 5.88 -13.11 9.11
C LEU A 254 6.55 -14.07 10.10
N ASN A 255 7.51 -13.56 10.86
CA ASN A 255 8.29 -14.34 11.83
C ASN A 255 8.16 -13.75 13.25
N ILE A 256 8.86 -14.39 14.22
CA ILE A 256 8.87 -13.98 15.62
C ILE A 256 9.44 -12.56 15.78
N PHE A 257 10.54 -12.23 15.07
CA PHE A 257 11.22 -10.93 15.11
C PHE A 257 10.29 -9.79 14.71
N GLU A 258 9.51 -10.01 13.64
CA GLU A 258 8.53 -9.04 13.15
C GLU A 258 7.36 -8.92 14.12
N MET A 259 6.91 -10.07 14.67
CA MET A 259 5.81 -10.23 15.64
C MET A 259 6.13 -9.44 16.92
N LEU A 260 7.39 -9.55 17.38
CA LEU A 260 7.84 -8.85 18.58
C LEU A 260 8.08 -7.37 18.30
N ARG A 261 8.54 -7.00 17.08
CA ARG A 261 8.71 -5.56 16.76
C ARG A 261 7.33 -4.88 16.73
N ILE A 262 6.27 -5.65 16.45
CA ILE A 262 4.88 -5.16 16.46
C ILE A 262 4.42 -5.02 17.93
N ASP A 263 4.51 -6.12 18.70
CA ASP A 263 4.04 -6.21 20.08
C ASP A 263 4.79 -5.29 21.04
N GLU A 264 6.14 -5.30 21.01
CA GLU A 264 6.97 -4.49 21.91
C GLU A 264 7.22 -3.07 21.38
N GLY A 265 7.41 -2.94 20.08
CA GLY A 265 7.71 -1.66 19.45
C GLY A 265 9.21 -1.40 19.44
N LEU A 266 9.63 -0.22 18.95
CA LEU A 266 11.03 0.16 18.90
C LEU A 266 11.23 1.61 19.33
N ARG A 267 12.09 1.78 20.33
CA ARG A 267 12.47 3.08 20.87
C ARG A 267 13.96 3.04 21.16
N LEU A 268 14.72 3.99 20.60
CA LEU A 268 16.17 4.05 20.81
C LEU A 268 16.50 4.90 22.06
N LYS A 269 15.45 5.41 22.73
CA LYS A 269 15.49 6.18 23.98
C LYS A 269 14.90 5.34 25.10
N ILE A 270 15.46 5.48 26.31
CA ILE A 270 14.98 4.74 27.48
C ILE A 270 13.54 5.19 27.80
N TYR A 271 12.64 4.23 28.02
CA TYR A 271 11.23 4.45 28.34
C TYR A 271 10.75 3.47 29.41
N LYS A 272 9.56 3.70 29.97
CA LYS A 272 8.96 2.84 30.98
C LYS A 272 7.77 2.09 30.40
N ASP A 273 7.68 0.78 30.68
CA ASP A 273 6.61 -0.08 30.18
C ASP A 273 5.31 0.12 31.01
N THR A 274 4.39 -0.86 30.99
CA THR A 274 3.12 -0.82 31.74
C THR A 274 3.37 -0.87 33.25
N GLU A 275 4.31 -1.74 33.70
CA GLU A 275 4.68 -1.88 35.11
C GLU A 275 5.47 -0.68 35.64
N GLY A 276 6.28 -0.08 34.76
CA GLY A 276 7.10 1.09 35.09
C GLY A 276 8.59 0.82 35.06
N TYR A 277 8.99 -0.41 34.70
CA TYR A 277 10.38 -0.82 34.60
C TYR A 277 11.03 -0.21 33.37
N TYR A 278 12.29 0.25 33.51
CA TYR A 278 13.08 0.87 32.44
C TYR A 278 13.35 -0.13 31.33
N THR A 279 13.03 0.27 30.09
CA THR A 279 13.13 -0.53 28.87
C THR A 279 13.85 0.29 27.76
N ILE A 280 14.34 -0.41 26.71
CA ILE A 280 15.07 0.13 25.54
C ILE A 280 14.91 -0.86 24.35
N GLY A 281 14.97 -0.34 23.13
CA GLY A 281 14.87 -1.12 21.90
C GLY A 281 13.53 -1.81 21.74
N ILE A 282 13.57 -3.12 21.45
CA ILE A 282 12.36 -3.92 21.30
C ILE A 282 12.16 -4.68 22.62
N GLY A 283 11.38 -4.06 23.50
CA GLY A 283 11.01 -4.56 24.83
C GLY A 283 12.08 -5.20 25.67
N HIS A 284 13.31 -4.64 25.64
CA HIS A 284 14.44 -5.15 26.42
C HIS A 284 14.52 -4.39 27.75
N LEU A 285 14.07 -5.05 28.84
CA LEU A 285 14.07 -4.50 30.19
C LEU A 285 15.50 -4.32 30.70
N LEU A 286 15.83 -3.10 31.12
CA LEU A 286 17.14 -2.73 31.63
C LEU A 286 17.28 -3.09 33.09
N THR A 287 16.37 -2.60 33.94
CA THR A 287 16.37 -2.85 35.37
C THR A 287 14.96 -2.69 35.98
N LYS A 288 14.78 -3.28 37.17
CA LYS A 288 13.56 -3.20 37.96
C LYS A 288 13.68 -2.01 38.93
N SER A 289 14.91 -1.47 39.05
CA SER A 289 15.24 -0.32 39.89
C SER A 289 14.59 0.95 39.37
N PRO A 290 14.06 1.82 40.27
CA PRO A 290 13.45 3.07 39.80
C PRO A 290 14.47 4.21 39.72
N SER A 291 15.62 3.95 39.07
CA SER A 291 16.70 4.91 38.87
C SER A 291 17.18 4.92 37.43
N LEU A 292 17.26 6.12 36.82
CA LEU A 292 17.70 6.33 35.43
C LEU A 292 19.20 5.98 35.27
N ASN A 293 20.01 6.30 36.30
CA ASN A 293 21.46 6.01 36.32
C ASN A 293 21.69 4.50 36.36
N ALA A 294 20.88 3.78 37.18
CA ALA A 294 20.92 2.32 37.31
C ALA A 294 20.57 1.64 35.99
N ALA A 295 19.65 2.26 35.21
CA ALA A 295 19.20 1.82 33.89
C ALA A 295 20.23 2.16 32.81
N LYS A 296 20.90 3.33 32.95
CA LYS A 296 21.94 3.79 32.02
C LYS A 296 23.20 2.93 32.15
N SER A 297 23.57 2.53 33.40
CA SER A 297 24.72 1.68 33.70
C SER A 297 24.58 0.32 33.04
N GLU A 298 23.41 -0.34 33.23
CA GLU A 298 23.08 -1.64 32.64
C GLU A 298 23.08 -1.56 31.12
N LEU A 299 22.76 -0.38 30.56
CA LEU A 299 22.74 -0.13 29.12
C LEU A 299 24.18 -0.03 28.58
N ASP A 300 25.04 0.79 29.25
CA ASP A 300 26.45 0.98 28.88
C ASP A 300 27.21 -0.35 28.93
N LYS A 301 26.89 -1.19 29.94
CA LYS A 301 27.49 -2.51 30.16
C LYS A 301 27.08 -3.51 29.06
N ALA A 302 25.80 -3.48 28.63
CA ALA A 302 25.25 -4.38 27.63
C ALA A 302 25.77 -4.08 26.22
N ILE A 303 25.86 -2.78 25.85
CA ILE A 303 26.32 -2.35 24.53
C ILE A 303 27.87 -2.43 24.45
N GLY A 304 28.53 -1.84 25.44
CA GLY A 304 29.99 -1.82 25.52
C GLY A 304 30.61 -0.52 25.06
N ARG A 305 29.88 0.59 25.24
CA ARG A 305 30.31 1.96 24.90
C ARG A 305 29.53 2.99 25.73
N ASN A 306 29.93 4.27 25.63
CA ASN A 306 29.27 5.38 26.32
C ASN A 306 28.02 5.76 25.50
N THR A 307 26.87 5.18 25.89
CA THR A 307 25.57 5.35 25.23
C THR A 307 24.93 6.70 25.57
N ASN A 308 24.95 7.09 26.86
CA ASN A 308 24.34 8.31 27.44
C ASN A 308 22.80 8.23 27.35
N GLY A 309 22.28 7.01 27.29
CA GLY A 309 20.85 6.72 27.20
C GLY A 309 20.30 6.56 25.80
N VAL A 310 21.16 6.72 24.77
CA VAL A 310 20.76 6.62 23.36
C VAL A 310 21.55 5.47 22.70
N ILE A 311 20.85 4.62 21.91
CA ILE A 311 21.46 3.50 21.19
C ILE A 311 21.10 3.59 19.69
N THR A 312 21.92 2.95 18.83
CA THR A 312 21.71 2.96 17.37
C THR A 312 20.75 1.85 16.98
N LYS A 313 20.21 1.91 15.73
CA LYS A 313 19.31 0.91 15.18
C LYS A 313 20.01 -0.46 15.08
N ASP A 314 21.31 -0.45 14.75
CA ASP A 314 22.15 -1.64 14.65
C ASP A 314 22.34 -2.26 16.04
N GLU A 315 22.54 -1.42 17.07
CA GLU A 315 22.71 -1.81 18.47
C GLU A 315 21.41 -2.37 19.06
N ALA A 316 20.25 -1.82 18.65
CA ALA A 316 18.92 -2.26 19.08
C ALA A 316 18.64 -3.67 18.58
N GLU A 317 19.01 -3.96 17.31
CA GLU A 317 18.86 -5.24 16.65
C GLU A 317 19.75 -6.28 17.33
N LYS A 318 20.97 -5.88 17.75
CA LYS A 318 21.94 -6.72 18.44
C LYS A 318 21.34 -7.27 19.75
N LEU A 319 20.76 -6.39 20.59
CA LEU A 319 20.12 -6.75 21.85
C LEU A 319 18.91 -7.62 21.63
N PHE A 320 18.14 -7.32 20.57
CA PHE A 320 16.92 -8.03 20.20
C PHE A 320 17.21 -9.48 19.83
N ASN A 321 18.19 -9.73 18.92
CA ASN A 321 18.61 -11.07 18.50
C ASN A 321 19.10 -11.90 19.68
N GLN A 322 19.66 -11.22 20.71
CA GLN A 322 20.15 -11.84 21.96
C GLN A 322 18.99 -12.27 22.87
N ASP A 323 17.98 -11.39 23.06
CA ASP A 323 16.81 -11.63 23.91
C ASP A 323 15.92 -12.74 23.35
N VAL A 324 15.67 -12.72 22.01
CA VAL A 324 14.87 -13.74 21.32
C VAL A 324 15.55 -15.09 21.50
N ASP A 325 16.88 -15.12 21.27
CA ASP A 325 17.73 -16.31 21.42
C ASP A 325 17.65 -16.85 22.83
N ALA A 326 17.66 -15.95 23.85
CA ALA A 326 17.56 -16.30 25.27
C ALA A 326 16.19 -16.91 25.60
N ALA A 327 15.11 -16.37 24.99
CA ALA A 327 13.73 -16.84 25.19
C ALA A 327 13.56 -18.26 24.66
N VAL A 328 14.13 -18.56 23.47
CA VAL A 328 14.09 -19.88 22.84
C VAL A 328 14.93 -20.87 23.65
N ARG A 329 16.13 -20.43 24.10
CA ARG A 329 17.05 -21.21 24.92
C ARG A 329 16.38 -21.59 26.25
N GLY A 330 15.70 -20.62 26.85
CA GLY A 330 14.99 -20.78 28.11
C GLY A 330 13.88 -21.81 28.06
N ILE A 331 13.17 -21.87 26.92
CA ILE A 331 12.08 -22.82 26.67
C ILE A 331 12.65 -24.25 26.67
N LEU A 332 13.76 -24.46 25.94
CA LEU A 332 14.43 -25.76 25.80
C LEU A 332 15.01 -26.27 27.13
N ARG A 333 15.50 -25.36 28.02
CA ARG A 333 16.04 -25.77 29.32
C ARG A 333 14.90 -25.97 30.34
N ASN A 334 13.73 -25.33 30.13
CA ASN A 334 12.58 -25.50 31.02
C ASN A 334 11.85 -26.82 30.68
N ALA A 335 11.73 -27.70 31.69
CA ALA A 335 11.11 -29.02 31.56
C ALA A 335 9.59 -28.95 31.30
N LYS A 336 8.92 -27.86 31.73
CA LYS A 336 7.48 -27.70 31.57
C LYS A 336 7.11 -27.03 30.22
N LEU A 337 8.04 -26.25 29.61
CA LEU A 337 7.76 -25.54 28.36
C LEU A 337 8.23 -26.29 27.11
N LYS A 338 9.40 -26.98 27.20
CA LYS A 338 10.02 -27.75 26.13
C LYS A 338 9.03 -28.75 25.45
N PRO A 339 8.21 -29.57 26.20
CA PRO A 339 7.31 -30.52 25.50
C PRO A 339 6.18 -29.82 24.75
N VAL A 340 5.69 -28.69 25.29
CA VAL A 340 4.63 -27.86 24.70
C VAL A 340 5.15 -27.22 23.41
N TYR A 341 6.42 -26.78 23.42
CA TYR A 341 7.13 -26.16 22.29
C TYR A 341 7.24 -27.13 21.10
N ASP A 342 7.50 -28.42 21.38
CA ASP A 342 7.62 -29.48 20.37
C ASP A 342 6.27 -29.83 19.73
N SER A 343 5.20 -29.89 20.54
CA SER A 343 3.84 -30.22 20.09
C SER A 343 3.22 -29.11 19.22
N LEU A 344 3.76 -27.88 19.30
CA LEU A 344 3.25 -26.75 18.53
C LEU A 344 3.85 -26.68 17.13
N ASP A 345 3.12 -26.03 16.23
CA ASP A 345 3.51 -25.77 14.84
C ASP A 345 4.41 -24.53 14.79
N ALA A 346 4.91 -24.18 13.60
CA ALA A 346 5.79 -23.04 13.36
C ALA A 346 5.21 -21.71 13.88
N VAL A 347 3.93 -21.40 13.56
CA VAL A 347 3.27 -20.13 13.92
C VAL A 347 3.04 -20.02 15.44
N ARG A 348 2.49 -21.08 16.05
CA ARG A 348 2.17 -21.13 17.48
C ARG A 348 3.42 -21.18 18.37
N ARG A 349 4.58 -21.58 17.81
CA ARG A 349 5.85 -21.59 18.56
C ARG A 349 6.27 -20.15 18.84
N ALA A 350 6.07 -19.25 17.85
CA ALA A 350 6.36 -17.83 17.96
C ALA A 350 5.51 -17.20 19.07
N ALA A 351 4.21 -17.58 19.17
CA ALA A 351 3.30 -17.12 20.21
C ALA A 351 3.79 -17.52 21.62
N LEU A 352 4.43 -18.71 21.75
CA LEU A 352 4.98 -19.17 23.01
C LEU A 352 6.32 -18.46 23.29
N ILE A 353 7.15 -18.22 22.23
CA ILE A 353 8.44 -17.48 22.34
C ILE A 353 8.12 -16.05 22.83
N ASN A 354 7.05 -15.47 22.26
CA ASN A 354 6.49 -14.14 22.55
C ASN A 354 6.15 -13.98 24.04
N MET A 355 5.51 -15.00 24.63
CA MET A 355 5.11 -15.01 26.05
C MET A 355 6.34 -15.08 26.96
N VAL A 356 7.32 -15.95 26.62
CA VAL A 356 8.57 -16.15 27.35
C VAL A 356 9.45 -14.89 27.24
N PHE A 357 9.33 -14.15 26.11
CA PHE A 357 10.05 -12.91 25.89
C PHE A 357 9.54 -11.82 26.85
N GLN A 358 8.20 -11.69 26.93
CA GLN A 358 7.48 -10.70 27.71
C GLN A 358 7.55 -11.00 29.22
N MET A 359 7.02 -12.15 29.66
CA MET A 359 6.92 -12.53 31.07
C MET A 359 8.14 -13.30 31.58
N GLY A 360 8.63 -14.26 30.80
CA GLY A 360 9.79 -15.06 31.20
C GLY A 360 9.47 -16.53 31.37
N GLU A 361 10.50 -17.38 31.27
CA GLU A 361 10.44 -18.85 31.35
C GLU A 361 9.55 -19.35 32.49
N THR A 362 9.83 -18.89 33.73
CA THR A 362 9.12 -19.29 34.94
C THR A 362 7.67 -18.80 34.91
N GLY A 363 7.45 -17.57 34.45
CA GLY A 363 6.13 -16.95 34.37
C GLY A 363 5.16 -17.75 33.52
N VAL A 364 5.59 -18.11 32.30
CA VAL A 364 4.81 -18.85 31.30
C VAL A 364 4.58 -20.30 31.77
N ALA A 365 5.59 -20.89 32.45
CA ALA A 365 5.51 -22.26 33.00
C ALA A 365 4.42 -22.36 34.10
N GLY A 366 3.97 -21.20 34.60
CA GLY A 366 2.93 -21.10 35.61
C GLY A 366 1.55 -21.42 35.09
N PHE A 367 1.34 -21.24 33.77
CA PHE A 367 0.08 -21.53 33.07
C PHE A 367 -0.07 -23.04 32.84
N THR A 368 0.02 -23.85 33.92
CA THR A 368 -0.05 -25.32 33.89
C THR A 368 -1.27 -25.85 33.12
N ASN A 369 -2.45 -25.21 33.29
CA ASN A 369 -3.69 -25.60 32.60
C ASN A 369 -3.64 -25.29 31.12
N SER A 370 -3.25 -24.04 30.76
CA SER A 370 -3.17 -23.52 29.39
C SER A 370 -2.20 -24.31 28.52
N LEU A 371 -0.95 -24.49 29.00
CA LEU A 371 0.11 -25.23 28.30
C LEU A 371 -0.30 -26.67 28.02
N ARG A 372 -0.96 -27.32 29.01
CA ARG A 372 -1.46 -28.69 28.94
C ARG A 372 -2.40 -28.85 27.74
N MET A 373 -3.30 -27.88 27.53
CA MET A 373 -4.28 -27.92 26.43
C MET A 373 -3.65 -27.46 25.12
N LEU A 374 -2.50 -26.74 25.17
CA LEU A 374 -1.78 -26.35 23.95
C LEU A 374 -1.13 -27.60 23.36
N GLN A 375 -0.57 -28.43 24.26
CA GLN A 375 0.06 -29.72 24.00
C GLN A 375 -0.98 -30.69 23.42
N GLN A 376 -2.20 -30.69 24.00
CA GLN A 376 -3.33 -31.52 23.58
C GLN A 376 -4.05 -30.93 22.34
N LYS A 377 -3.52 -29.81 21.79
CA LYS A 377 -3.97 -29.08 20.60
C LYS A 377 -5.41 -28.51 20.73
N ARG A 378 -5.94 -28.37 21.97
CA ARG A 378 -7.25 -27.79 22.26
C ARG A 378 -7.09 -26.28 22.40
N TRP A 379 -7.15 -25.57 21.27
CA TRP A 379 -6.90 -24.15 21.15
C TRP A 379 -7.93 -23.26 21.83
N ASP A 380 -9.22 -23.38 21.44
CA ASP A 380 -10.33 -22.57 21.97
C ASP A 380 -10.44 -22.68 23.51
N GLU A 381 -10.19 -23.89 24.05
CA GLU A 381 -10.23 -24.17 25.49
C GLU A 381 -9.05 -23.50 26.21
N ALA A 382 -7.84 -23.56 25.59
CA ALA A 382 -6.63 -22.95 26.12
C ALA A 382 -6.78 -21.43 26.21
N ALA A 383 -7.39 -20.84 25.15
CA ALA A 383 -7.66 -19.42 24.97
C ALA A 383 -8.47 -18.80 26.10
N VAL A 384 -9.48 -19.54 26.64
CA VAL A 384 -10.34 -19.05 27.73
C VAL A 384 -9.51 -18.91 29.02
N ASN A 385 -8.68 -19.92 29.34
CA ASN A 385 -7.80 -19.93 30.52
C ASN A 385 -6.71 -18.88 30.39
N LEU A 386 -6.28 -18.58 29.14
CA LEU A 386 -5.29 -17.56 28.86
C LEU A 386 -5.90 -16.18 29.07
N ALA A 387 -7.20 -16.02 28.72
CA ALA A 387 -7.98 -14.78 28.91
C ALA A 387 -8.26 -14.59 30.40
N LYS A 388 -8.46 -15.69 31.14
CA LYS A 388 -8.70 -15.70 32.58
C LYS A 388 -7.33 -15.71 33.26
N SER A 389 -6.59 -14.60 33.14
CA SER A 389 -5.24 -14.44 33.70
C SER A 389 -4.87 -12.98 33.96
N ARG A 390 -3.84 -12.78 34.84
CA ARG A 390 -3.23 -11.52 35.23
C ARG A 390 -2.61 -10.81 34.01
N TRP A 391 -2.00 -11.61 33.10
CA TRP A 391 -1.35 -11.19 31.86
C TRP A 391 -2.33 -10.54 30.90
N TYR A 392 -3.52 -11.16 30.73
CA TYR A 392 -4.57 -10.66 29.84
C TYR A 392 -5.07 -9.30 30.32
N ASN A 393 -5.18 -9.11 31.64
CA ASN A 393 -5.64 -7.86 32.22
C ASN A 393 -4.56 -6.76 32.06
N GLN A 394 -3.27 -7.14 32.24
CA GLN A 394 -2.10 -6.27 32.15
C GLN A 394 -1.95 -5.66 30.74
N THR A 395 -1.72 -6.51 29.72
CA THR A 395 -1.56 -6.07 28.33
C THR A 395 -2.63 -6.76 27.46
N PRO A 396 -3.88 -6.23 27.44
CA PRO A 396 -4.97 -6.89 26.69
C PRO A 396 -4.83 -6.86 25.17
N ASN A 397 -4.28 -5.78 24.60
CA ASN A 397 -4.12 -5.68 23.14
C ASN A 397 -3.10 -6.72 22.65
N ARG A 398 -1.95 -6.84 23.34
CA ARG A 398 -0.88 -7.78 23.02
C ARG A 398 -1.32 -9.22 23.27
N ALA A 399 -2.05 -9.46 24.39
CA ALA A 399 -2.54 -10.78 24.79
C ALA A 399 -3.52 -11.33 23.77
N LYS A 400 -4.55 -10.53 23.40
CA LYS A 400 -5.58 -10.88 22.43
C LYS A 400 -4.93 -11.39 21.13
N ARG A 401 -3.89 -10.67 20.63
CA ARG A 401 -3.13 -11.03 19.42
C ARG A 401 -2.47 -12.41 19.55
N VAL A 402 -1.73 -12.66 20.65
CA VAL A 402 -1.03 -13.92 20.93
C VAL A 402 -2.05 -15.07 21.12
N ILE A 403 -3.14 -14.80 21.85
CA ILE A 403 -4.21 -15.76 22.11
C ILE A 403 -4.89 -16.14 20.77
N THR A 404 -5.17 -15.14 19.89
CA THR A 404 -5.77 -15.37 18.56
C THR A 404 -4.82 -16.26 17.74
N THR A 405 -3.49 -15.99 17.79
CA THR A 405 -2.47 -16.80 17.10
C THR A 405 -2.58 -18.25 17.58
N PHE A 406 -2.72 -18.49 18.89
CA PHE A 406 -2.87 -19.83 19.45
C PHE A 406 -4.19 -20.49 19.01
N ARG A 407 -5.24 -19.69 18.78
CA ARG A 407 -6.55 -20.21 18.37
C ARG A 407 -6.59 -20.57 16.89
N THR A 408 -6.13 -19.64 16.05
CA THR A 408 -6.16 -19.74 14.60
C THR A 408 -5.00 -20.52 14.01
N GLY A 409 -3.80 -20.32 14.54
CA GLY A 409 -2.59 -20.95 14.02
C GLY A 409 -2.06 -20.21 12.81
N THR A 410 -2.56 -18.98 12.59
CA THR A 410 -2.22 -18.09 11.49
C THR A 410 -1.72 -16.75 12.02
N TRP A 411 -1.22 -15.86 11.12
CA TRP A 411 -0.72 -14.53 11.45
C TRP A 411 -1.81 -13.46 11.30
N ASP A 412 -3.09 -13.89 11.17
CA ASP A 412 -4.27 -13.02 10.96
C ASP A 412 -4.37 -11.85 11.97
N ALA A 413 -3.88 -12.03 13.21
CA ALA A 413 -3.90 -10.99 14.24
C ALA A 413 -2.86 -9.90 13.98
N TYR A 414 -1.75 -10.26 13.30
CA TYR A 414 -0.63 -9.36 12.99
C TYR A 414 -0.69 -8.84 11.55
N LYS A 415 -1.87 -8.97 10.91
CA LYS A 415 -2.18 -8.50 9.57
C LYS A 415 -2.05 -6.99 9.49
N PHE A 416 -1.15 -6.49 8.61
CA PHE A 416 -0.87 -5.06 8.34
C PHE A 416 -0.63 -4.26 9.64
N CYS A 417 0.13 -4.85 10.57
CA CYS A 417 0.46 -4.20 11.84
C CYS A 417 1.86 -3.59 11.77
N LEU A 418 2.75 -4.22 10.98
CA LEU A 418 4.12 -3.76 10.72
C LEU A 418 4.06 -2.58 9.76
N LYS A 419 4.94 -1.57 9.95
CA LYS A 419 4.99 -0.34 9.14
C LYS A 419 5.22 -0.66 7.65
N GLU A 420 6.10 -1.64 7.37
CA GLU A 420 6.46 -2.11 6.04
C GLU A 420 5.27 -2.79 5.35
N HIS A 421 4.37 -3.39 6.16
CA HIS A 421 3.14 -4.07 5.72
C HIS A 421 2.03 -3.07 5.45
N LYS A 422 1.98 -1.98 6.24
CA LYS A 422 1.03 -0.89 6.07
C LYS A 422 1.31 -0.18 4.74
N ALA A 423 2.62 -0.09 4.36
CA ALA A 423 3.10 0.47 3.10
C ALA A 423 2.54 -0.33 1.90
N LEU A 424 2.50 -1.67 2.05
CA LEU A 424 1.95 -2.57 1.03
C LEU A 424 0.44 -2.38 0.92
N LYS A 425 -0.24 -2.16 2.08
CA LYS A 425 -1.67 -1.90 2.13
C LYS A 425 -1.96 -0.61 1.41
N THR A 426 -1.22 0.49 1.74
CA THR A 426 -1.37 1.81 1.11
C THR A 426 -1.26 1.67 -0.40
N LEU A 427 -0.22 0.96 -0.89
CA LEU A 427 -0.05 0.73 -2.33
C LEU A 427 -1.17 -0.14 -2.90
N GLY A 428 -1.72 -1.04 -2.08
CA GLY A 428 -2.83 -1.90 -2.46
C GLY A 428 -4.14 -1.15 -2.59
N ILE A 429 -4.33 -0.08 -1.76
CA ILE A 429 -5.51 0.80 -1.77
C ILE A 429 -5.52 1.59 -3.08
N ILE A 430 -4.36 2.19 -3.45
CA ILE A 430 -4.12 2.99 -4.65
C ILE A 430 -4.53 2.18 -5.90
N MET A 431 -4.07 0.91 -5.95
CA MET A 431 -4.36 -0.05 -7.02
C MET A 431 -5.86 -0.37 -7.09
N GLY A 432 -6.41 -0.79 -5.95
CA GLY A 432 -7.82 -1.15 -5.80
C GLY A 432 -8.82 -0.06 -6.16
N THR A 433 -8.50 1.19 -5.79
CA THR A 433 -9.36 2.34 -6.08
C THR A 433 -9.39 2.56 -7.60
N PHE A 434 -8.20 2.60 -8.24
CA PHE A 434 -8.05 2.76 -9.69
C PHE A 434 -8.95 1.77 -10.44
N THR A 435 -8.97 0.51 -9.98
CA THR A 435 -9.75 -0.59 -10.53
C THR A 435 -11.26 -0.27 -10.39
N LEU A 436 -11.71 0.11 -9.18
CA LEU A 436 -13.11 0.42 -8.90
C LEU A 436 -13.60 1.63 -9.69
N CYS A 437 -12.68 2.56 -10.04
CA CYS A 437 -13.02 3.77 -10.77
C CYS A 437 -13.02 3.56 -12.29
N TRP A 438 -12.09 2.75 -12.81
CA TRP A 438 -11.97 2.57 -14.26
C TRP A 438 -12.69 1.34 -14.81
N LEU A 439 -12.67 0.21 -14.08
CA LEU A 439 -13.31 -1.05 -14.50
C LEU A 439 -14.79 -0.88 -14.91
N PRO A 440 -15.68 -0.09 -14.22
CA PRO A 440 -17.07 0.02 -14.71
C PRO A 440 -17.16 0.63 -16.11
N PHE A 441 -16.32 1.67 -16.37
CA PHE A 441 -16.24 2.34 -17.68
C PHE A 441 -15.78 1.33 -18.74
N PHE A 442 -14.69 0.58 -18.47
CA PHE A 442 -14.10 -0.39 -19.38
C PHE A 442 -15.00 -1.62 -19.62
N ILE A 443 -15.74 -2.10 -18.59
CA ILE A 443 -16.67 -3.25 -18.71
C ILE A 443 -17.84 -2.86 -19.64
N VAL A 444 -18.48 -1.70 -19.35
CA VAL A 444 -19.62 -1.16 -20.12
C VAL A 444 -19.13 -0.76 -21.53
N ASN A 445 -17.82 -0.46 -21.68
CA ASN A 445 -17.22 -0.14 -22.97
C ASN A 445 -17.10 -1.39 -23.83
N ILE A 446 -16.54 -2.49 -23.29
CA ILE A 446 -16.35 -3.74 -24.03
C ILE A 446 -17.70 -4.49 -24.27
N VAL A 447 -18.70 -4.29 -23.37
CA VAL A 447 -20.02 -4.91 -23.50
C VAL A 447 -20.79 -4.27 -24.66
N HIS A 448 -20.79 -2.93 -24.76
CA HIS A 448 -21.50 -2.19 -25.82
C HIS A 448 -20.75 -2.24 -27.18
N VAL A 449 -19.78 -3.16 -27.32
CA VAL A 449 -19.02 -3.43 -28.54
C VAL A 449 -19.60 -4.74 -29.12
N ILE A 450 -19.86 -5.74 -28.23
CA ILE A 450 -20.44 -7.05 -28.57
C ILE A 450 -21.96 -6.89 -28.71
N GLN A 451 -22.61 -6.30 -27.68
CA GLN A 451 -24.06 -6.08 -27.61
C GLN A 451 -24.51 -4.98 -28.59
N ASP A 452 -23.60 -4.04 -28.94
CA ASP A 452 -23.78 -2.91 -29.87
C ASP A 452 -24.70 -1.81 -29.31
N ASN A 453 -25.88 -2.17 -28.75
CA ASN A 453 -26.86 -1.22 -28.21
C ASN A 453 -26.57 -0.88 -26.73
N LEU A 454 -27.39 0.03 -26.14
CA LEU A 454 -27.37 0.50 -24.74
C LEU A 454 -26.08 1.31 -24.38
N ILE A 455 -25.32 1.78 -25.41
CA ILE A 455 -24.07 2.58 -25.26
C ILE A 455 -24.37 3.86 -24.51
N ARG A 456 -25.25 4.72 -25.08
CA ARG A 456 -25.69 6.03 -24.59
C ARG A 456 -24.50 7.01 -24.51
N LYS A 457 -24.78 8.27 -24.21
CA LYS A 457 -23.79 9.32 -24.03
C LYS A 457 -23.76 9.69 -22.56
N GLU A 458 -24.95 9.67 -21.92
CA GLU A 458 -25.20 9.95 -20.51
C GLU A 458 -24.45 8.96 -19.61
N VAL A 459 -24.54 7.66 -19.92
CA VAL A 459 -23.90 6.59 -19.14
C VAL A 459 -22.38 6.59 -19.41
N TYR A 460 -21.98 6.68 -20.69
CA TYR A 460 -20.58 6.65 -21.13
C TYR A 460 -19.73 7.75 -20.47
N ILE A 461 -20.17 9.01 -20.56
CA ILE A 461 -19.45 10.17 -20.00
C ILE A 461 -19.41 10.06 -18.46
N LEU A 462 -20.54 9.70 -17.80
CA LEU A 462 -20.65 9.55 -16.34
C LEU A 462 -19.60 8.56 -15.81
N LEU A 463 -19.53 7.35 -16.41
CA LEU A 463 -18.59 6.31 -16.00
C LEU A 463 -17.14 6.70 -16.30
N ASN A 464 -16.93 7.52 -17.35
CA ASN A 464 -15.61 8.03 -17.71
C ASN A 464 -15.14 9.01 -16.64
N TRP A 465 -16.10 9.74 -16.05
CA TRP A 465 -15.87 10.71 -15.00
C TRP A 465 -15.61 10.01 -13.66
N ILE A 466 -16.11 8.76 -13.47
CA ILE A 466 -15.82 7.94 -12.28
C ILE A 466 -14.30 7.69 -12.28
N GLY A 467 -13.75 7.43 -13.47
CA GLY A 467 -12.32 7.27 -13.67
C GLY A 467 -11.55 8.57 -13.55
N TYR A 468 -12.19 9.69 -13.94
CA TYR A 468 -11.59 11.02 -13.85
C TYR A 468 -11.40 11.48 -12.41
N VAL A 469 -12.40 11.22 -11.53
CA VAL A 469 -12.38 11.60 -10.12
C VAL A 469 -11.20 10.87 -9.39
N ASN A 470 -10.76 9.70 -9.91
CA ASN A 470 -9.64 8.90 -9.37
C ASN A 470 -8.31 9.70 -9.36
N SER A 471 -8.10 10.62 -10.31
CA SER A 471 -6.90 11.45 -10.40
C SER A 471 -6.76 12.42 -9.19
N GLY A 472 -7.81 12.53 -8.37
CA GLY A 472 -7.85 13.35 -7.17
C GLY A 472 -7.81 12.57 -5.87
N PHE A 473 -7.98 11.23 -5.94
CA PHE A 473 -8.01 10.35 -4.78
C PHE A 473 -6.63 9.93 -4.30
N ASN A 474 -5.71 9.61 -5.24
CA ASN A 474 -4.34 9.15 -4.91
C ASN A 474 -3.65 10.06 -3.85
N PRO A 475 -3.67 11.43 -3.95
CA PRO A 475 -3.02 12.24 -2.91
C PRO A 475 -3.60 12.06 -1.51
N LEU A 476 -4.93 11.85 -1.41
CA LEU A 476 -5.62 11.63 -0.15
C LEU A 476 -5.25 10.27 0.47
N ILE A 477 -4.97 9.25 -0.38
CA ILE A 477 -4.59 7.92 0.08
C ILE A 477 -3.12 7.96 0.59
N TYR A 478 -2.26 8.85 0.03
CA TYR A 478 -0.87 8.98 0.51
C TYR A 478 -0.81 9.55 1.94
N CYS A 479 -1.93 10.11 2.43
CA CYS A 479 -2.03 10.66 3.79
C CYS A 479 -1.97 9.55 4.83
N ARG A 480 -1.95 8.28 4.38
CA ARG A 480 -1.80 7.10 5.24
C ARG A 480 -0.33 6.95 5.63
N SER A 481 0.60 7.20 4.68
CA SER A 481 2.03 7.14 4.92
C SER A 481 2.45 8.29 5.85
N PRO A 482 3.08 8.00 7.02
CA PRO A 482 3.49 9.08 7.92
C PRO A 482 4.52 10.00 7.28
N ASP A 483 5.40 9.44 6.42
CA ASP A 483 6.43 10.17 5.69
C ASP A 483 5.82 11.25 4.80
N PHE A 484 4.74 10.91 4.04
CA PHE A 484 4.01 11.82 3.16
C PHE A 484 3.26 12.85 3.97
N ARG A 485 2.61 12.41 5.07
CA ARG A 485 1.86 13.27 6.01
C ARG A 485 2.75 14.37 6.57
N ILE A 486 3.97 14.01 7.00
CA ILE A 486 4.99 14.90 7.55
C ILE A 486 5.43 15.92 6.47
N ALA A 487 5.52 15.48 5.20
CA ALA A 487 5.92 16.30 4.07
C ALA A 487 4.83 17.29 3.70
N PHE A 488 3.57 16.82 3.64
CA PHE A 488 2.40 17.63 3.28
C PHE A 488 2.20 18.82 4.22
N GLN A 489 2.16 18.55 5.54
CA GLN A 489 1.95 19.59 6.57
C GLN A 489 3.09 20.62 6.59
N GLU A 490 4.31 20.22 6.15
CA GLU A 490 5.45 21.12 6.07
C GLU A 490 5.31 22.04 4.85
N LEU A 491 4.88 21.47 3.71
CA LEU A 491 4.68 22.21 2.45
C LEU A 491 3.45 23.11 2.51
N LEU A 492 2.50 22.81 3.41
CA LEU A 492 1.28 23.60 3.59
C LEU A 492 1.39 24.56 4.78
N CYS A 493 2.51 24.50 5.55
CA CYS A 493 2.81 25.32 6.73
C CYS A 493 1.66 25.25 7.76
N LEU A 494 1.54 24.08 8.42
CA LEU A 494 0.49 23.83 9.40
C LEU A 494 1.07 23.60 10.82
#